data_5L57
#
_entry.id   5L57
#
_cell.length_a   72.866
_cell.length_b   72.866
_cell.length_c   182.642
_cell.angle_alpha   90.00
_cell.angle_beta   90.00
_cell.angle_gamma   90.00
#
_symmetry.space_group_name_H-M   'P 43 21 2'
#
loop_
_entity.id
_entity.type
_entity.pdbx_description
1 polymer 'Isocitrate dehydrogenase [NADP] cytoplasmic'
2 non-polymer 'NADPH DIHYDRO-NICOTINAMIDE-ADENINE-DINUCLEOTIDE PHOSPHATE'
3 non-polymer '(1~{R},5~{S})-3-[6-(3-methylbutoxy)-5-[[(1~{R},3~{S})-5-oxidanyl-2-adamantyl]carbamoyl]pyridin-2-yl]-3-azabicyclo[3.1.0]hexane-6-carboxylic acid'
4 water water
#
_entity_poly.entity_id   1
_entity_poly.type   'polypeptide(L)'
_entity_poly.pdbx_seq_one_letter_code
;MSKKISGGSVVEMQGDEMTRIIWELIKEKLIFPYVELDLHSYDLGIENRDATNDQVTKDAAEAIKKHNVGVKCATITPDA
ARVEEFKLKQMWKSPNGTIRNILGGTVFREAIICKNIPRLVSGWVKPIIIGHHAYGDQYRATDFVVPGPGKVEITYTPSD
GTQKVTYLVHNFEEGGGVAMGMYNQDKSIEDFAHSSFQMALSKGWPLYLSTKNTILKKYDGRFKDIFQEIYDKQYKSQFA
AAAIWYEHRLIDDMVAQAMKSEGGFIWACKNYDGDVQSDSVAQGYGSLGMMTSVLVCPDGKTVEAEAAHGTVTRHYRMYQ
KGQETSTNPIASIFAWTRGLAHRAKLDNNKELAFFANALEEVSIETIEAGFMTKDLAACIKGLPNVQRSDYLNTFEFMDK
LGENLKIKLAQAKL
;
_entity_poly.pdbx_strand_id   A
#
loop_
_chem_comp.id
_chem_comp.type
_chem_comp.name
_chem_comp.formula
6N3 non-polymer '(1~{R},5~{S})-3-[6-(3-methylbutoxy)-5-[[(1~{R},3~{S})-5-oxidanyl-2-adamantyl]carbamoyl]pyridin-2-yl]-3-azabicyclo[3.1.0]hexane-6-carboxylic acid' 'C27 H37 N3 O5'
NDP non-polymer 'NADPH DIHYDRO-NICOTINAMIDE-ADENINE-DINUCLEOTIDE PHOSPHATE' 'C21 H30 N7 O17 P3'
#
# COMPACT_ATOMS: atom_id res chain seq x y z
N LYS A 3 -2.97 0.68 -33.50
CA LYS A 3 -4.28 1.20 -33.13
C LYS A 3 -4.40 1.31 -31.61
N LYS A 4 -3.63 0.48 -30.91
CA LYS A 4 -3.61 0.55 -29.45
C LYS A 4 -2.77 1.74 -28.99
N ILE A 5 -2.82 2.00 -27.70
CA ILE A 5 -2.06 3.09 -27.10
C ILE A 5 -0.66 2.58 -26.75
N SER A 6 0.34 3.39 -27.02
CA SER A 6 1.71 3.06 -26.63
C SER A 6 1.91 3.46 -25.16
N GLY A 7 2.04 2.47 -24.29
CA GLY A 7 2.03 2.72 -22.87
C GLY A 7 3.39 2.98 -22.26
N GLY A 8 4.44 2.45 -22.86
CA GLY A 8 5.78 2.60 -22.33
C GLY A 8 6.23 1.41 -21.51
N SER A 9 7.21 1.67 -20.64
CA SER A 9 7.88 0.62 -19.88
C SER A 9 7.23 0.44 -18.52
N VAL A 10 6.90 -0.80 -18.18
CA VAL A 10 6.24 -1.12 -16.92
C VAL A 10 6.78 -2.44 -16.39
N VAL A 11 7.19 -2.45 -15.12
CA VAL A 11 7.65 -3.66 -14.46
C VAL A 11 6.44 -4.35 -13.86
N GLU A 12 6.23 -5.62 -14.22
CA GLU A 12 5.13 -6.44 -13.71
C GLU A 12 5.68 -7.50 -12.78
N MET A 13 4.91 -7.80 -11.71
CA MET A 13 5.25 -8.89 -10.79
C MET A 13 4.03 -9.77 -10.60
N GLN A 14 4.13 -11.03 -11.03
CA GLN A 14 3.01 -11.96 -10.90
C GLN A 14 2.98 -12.59 -9.50
N GLY A 15 1.78 -13.03 -9.10
CA GLY A 15 1.54 -13.48 -7.74
C GLY A 15 1.04 -14.91 -7.61
N ASP A 16 0.24 -15.18 -6.59
CA ASP A 16 -0.14 -16.54 -6.22
C ASP A 16 -1.66 -16.69 -6.14
N GLU A 17 -2.13 -17.90 -6.47
CA GLU A 17 -3.48 -18.34 -6.13
C GLU A 17 -4.57 -17.47 -6.81
N MET A 18 -5.59 -17.10 -6.04
CA MET A 18 -6.76 -16.47 -6.65
C MET A 18 -6.38 -15.14 -7.28
N THR A 19 -5.60 -14.32 -6.58
CA THR A 19 -5.17 -13.05 -7.13
C THR A 19 -4.38 -13.25 -8.42
N ARG A 20 -3.71 -14.41 -8.59
CA ARG A 20 -3.04 -14.70 -9.84
C ARG A 20 -4.06 -14.95 -10.94
N ILE A 21 -5.03 -15.84 -10.69
CA ILE A 21 -6.10 -16.08 -11.66
C ILE A 21 -6.69 -14.76 -12.14
N ILE A 22 -7.06 -13.89 -11.20
CA ILE A 22 -7.73 -12.65 -11.56
C ILE A 22 -6.76 -11.68 -12.22
N TRP A 23 -5.47 -11.76 -11.88
CA TRP A 23 -4.46 -10.96 -12.55
C TRP A 23 -4.48 -11.23 -14.05
N GLU A 24 -4.42 -12.50 -14.42
CA GLU A 24 -4.46 -12.83 -15.85
C GLU A 24 -5.78 -12.43 -16.47
N LEU A 25 -6.89 -12.57 -15.73
CA LEU A 25 -8.17 -12.10 -16.26
C LEU A 25 -8.08 -10.62 -16.61
N ILE A 26 -7.58 -9.80 -15.69
CA ILE A 26 -7.50 -8.36 -15.93
C ILE A 26 -6.63 -8.07 -17.15
N LYS A 27 -5.44 -8.68 -17.20
CA LYS A 27 -4.55 -8.40 -18.33
C LYS A 27 -5.18 -8.79 -19.66
N GLU A 28 -5.98 -9.86 -19.69
CA GLU A 28 -6.52 -10.31 -20.96
CA GLU A 28 -6.55 -10.33 -20.94
C GLU A 28 -7.78 -9.55 -21.35
N LYS A 29 -8.56 -9.06 -20.40
CA LYS A 29 -9.86 -8.45 -20.70
C LYS A 29 -9.85 -6.93 -20.65
N LEU A 30 -9.01 -6.30 -19.81
CA LEU A 30 -9.10 -4.87 -19.57
C LEU A 30 -7.91 -4.07 -20.06
N ILE A 31 -6.75 -4.70 -20.27
CA ILE A 31 -5.52 -3.97 -20.55
C ILE A 31 -5.08 -4.17 -21.99
N PHE A 32 -4.62 -5.38 -22.30
CA PHE A 32 -3.98 -5.61 -23.59
C PHE A 32 -4.84 -5.28 -24.80
N PRO A 33 -6.17 -5.41 -24.77
CA PRO A 33 -6.95 -5.03 -25.96
C PRO A 33 -6.81 -3.56 -26.32
N TYR A 34 -6.50 -2.70 -25.36
CA TYR A 34 -6.47 -1.26 -25.59
C TYR A 34 -5.10 -0.63 -25.40
N VAL A 35 -4.13 -1.35 -24.85
CA VAL A 35 -2.82 -0.80 -24.55
C VAL A 35 -1.75 -1.76 -25.04
N GLU A 36 -0.65 -1.19 -25.51
CA GLU A 36 0.54 -1.93 -25.91
C GLU A 36 1.70 -1.44 -25.04
N LEU A 37 2.37 -2.38 -24.37
CA LEU A 37 3.30 -2.04 -23.31
C LEU A 37 4.69 -2.61 -23.60
N ASP A 38 5.68 -1.97 -22.98
CA ASP A 38 7.04 -2.51 -22.86
C ASP A 38 7.10 -3.15 -21.47
N LEU A 39 6.65 -4.41 -21.39
CA LEU A 39 6.38 -5.06 -20.12
C LEU A 39 7.59 -5.90 -19.71
N HIS A 40 8.15 -5.59 -18.54
CA HIS A 40 9.22 -6.38 -17.95
C HIS A 40 8.60 -7.26 -16.87
N SER A 41 8.30 -8.51 -17.22
CA SER A 41 7.54 -9.40 -16.34
C SER A 41 8.48 -10.24 -15.49
N TYR A 42 8.24 -10.23 -14.18
CA TYR A 42 8.93 -11.08 -13.22
C TYR A 42 7.90 -11.92 -12.49
N ASP A 43 8.14 -13.22 -12.42
CA ASP A 43 7.19 -14.16 -11.80
C ASP A 43 7.57 -14.35 -10.35
N LEU A 44 6.83 -13.67 -9.45
CA LEU A 44 7.03 -13.83 -8.01
C LEU A 44 6.05 -14.84 -7.41
N GLY A 45 5.69 -15.88 -8.17
CA GLY A 45 4.98 -16.99 -7.58
C GLY A 45 5.87 -17.77 -6.64
N ILE A 46 5.26 -18.37 -5.63
CA ILE A 46 6.03 -19.01 -4.57
C ILE A 46 6.98 -20.06 -5.16
N GLU A 47 6.52 -20.80 -6.18
CA GLU A 47 7.36 -21.84 -6.76
C GLU A 47 8.64 -21.25 -7.36
N ASN A 48 8.48 -20.22 -8.19
CA ASN A 48 9.64 -19.62 -8.84
C ASN A 48 10.57 -18.96 -7.82
N ARG A 49 10.00 -18.26 -6.83
CA ARG A 49 10.83 -17.67 -5.79
C ARG A 49 11.64 -18.73 -5.07
N ASP A 50 11.05 -19.90 -4.83
CA ASP A 50 11.80 -20.99 -4.21
C ASP A 50 12.90 -21.48 -5.14
N ALA A 51 12.60 -21.62 -6.42
CA ALA A 51 13.60 -22.10 -7.38
C ALA A 51 14.77 -21.14 -7.52
N THR A 52 14.50 -19.84 -7.53
CA THR A 52 15.56 -18.83 -7.68
C THR A 52 16.12 -18.38 -6.34
N ASN A 53 15.75 -19.04 -5.24
CA ASN A 53 16.21 -18.67 -3.91
C ASN A 53 15.92 -17.20 -3.62
N ASP A 54 14.77 -16.72 -4.11
CA ASP A 54 14.29 -15.36 -3.89
C ASP A 54 15.07 -14.32 -4.67
N GLN A 55 15.89 -14.74 -5.64
CA GLN A 55 16.63 -13.78 -6.45
C GLN A 55 15.69 -13.00 -7.37
N VAL A 56 14.64 -13.65 -7.88
CA VAL A 56 13.72 -12.98 -8.79
C VAL A 56 13.12 -11.75 -8.13
N THR A 57 12.87 -11.82 -6.82
CA THR A 57 12.32 -10.67 -6.10
C THR A 57 13.28 -9.48 -6.19
N LYS A 58 14.56 -9.72 -5.91
CA LYS A 58 15.55 -8.65 -5.99
C LYS A 58 15.63 -8.09 -7.40
N ASP A 59 15.73 -8.98 -8.39
CA ASP A 59 15.78 -8.55 -9.78
C ASP A 59 14.61 -7.63 -10.11
N ALA A 60 13.40 -8.00 -9.67
CA ALA A 60 12.24 -7.15 -9.89
C ALA A 60 12.43 -5.79 -9.23
N ALA A 61 12.85 -5.79 -7.95
CA ALA A 61 13.05 -4.54 -7.25
C ALA A 61 13.98 -3.60 -8.03
N GLU A 62 15.13 -4.12 -8.47
CA GLU A 62 16.06 -3.30 -9.24
C GLU A 62 15.42 -2.82 -10.53
N ALA A 63 14.62 -3.67 -11.18
CA ALA A 63 13.92 -3.27 -12.39
C ALA A 63 13.04 -2.05 -12.11
N ILE A 64 12.30 -2.07 -11.01
CA ILE A 64 11.51 -0.90 -10.63
C ILE A 64 12.41 0.30 -10.43
N LYS A 65 13.57 0.09 -9.81
CA LYS A 65 14.50 1.20 -9.63
C LYS A 65 14.91 1.79 -10.98
N LYS A 66 14.92 0.97 -12.03
CA LYS A 66 15.37 1.45 -13.34
C LYS A 66 14.25 2.13 -14.11
N HIS A 67 13.04 1.56 -14.11
CA HIS A 67 11.96 2.02 -14.97
C HIS A 67 10.91 2.85 -14.24
N ASN A 68 10.98 2.97 -12.92
CA ASN A 68 10.20 3.89 -12.10
C ASN A 68 8.75 3.46 -11.91
N VAL A 69 8.27 2.41 -12.58
CA VAL A 69 6.87 2.00 -12.49
C VAL A 69 6.81 0.49 -12.29
N GLY A 70 6.16 0.07 -11.23
CA GLY A 70 5.94 -1.36 -10.97
C GLY A 70 4.52 -1.62 -10.51
N VAL A 71 3.94 -2.70 -11.03
CA VAL A 71 2.63 -3.19 -10.60
C VAL A 71 2.80 -4.63 -10.15
N LYS A 72 2.27 -4.94 -8.97
CA LYS A 72 2.54 -6.21 -8.29
C LYS A 72 1.24 -6.90 -7.92
N CYS A 73 1.20 -8.20 -8.16
CA CYS A 73 0.12 -9.07 -7.70
C CYS A 73 0.43 -9.59 -6.30
N ALA A 74 -0.63 -9.85 -5.54
CA ALA A 74 -0.47 -10.36 -4.18
C ALA A 74 0.25 -11.72 -4.19
N THR A 75 1.22 -11.86 -3.29
CA THR A 75 2.02 -13.08 -3.17
C THR A 75 1.75 -13.75 -1.82
N ILE A 76 2.51 -14.82 -1.55
CA ILE A 76 2.40 -15.55 -0.30
C ILE A 76 3.67 -15.28 0.51
N THR A 77 3.49 -14.94 1.78
CA THR A 77 4.61 -14.88 2.72
C THR A 77 4.67 -16.22 3.46
N PRO A 78 5.60 -17.11 3.13
CA PRO A 78 5.51 -18.47 3.67
C PRO A 78 5.67 -18.52 5.19
N ASP A 79 4.96 -19.48 5.78
CA ASP A 79 5.16 -19.88 7.17
C ASP A 79 5.51 -21.38 7.19
N ALA A 80 5.57 -21.95 8.38
CA ALA A 80 5.87 -23.38 8.50
C ALA A 80 4.90 -24.20 7.67
N ALA A 81 3.60 -23.95 7.83
CA ALA A 81 2.60 -24.65 7.04
C ALA A 81 2.94 -24.58 5.55
N ARG A 82 3.14 -23.37 5.02
CA ARG A 82 3.49 -23.24 3.61
C ARG A 82 4.80 -23.96 3.31
N VAL A 83 5.78 -23.89 4.22
CA VAL A 83 7.04 -24.60 4.01
C VAL A 83 6.79 -26.07 3.78
N GLU A 84 5.72 -26.61 4.38
CA GLU A 84 5.35 -27.99 4.12
C GLU A 84 4.58 -28.13 2.81
N GLU A 85 3.63 -27.22 2.57
CA GLU A 85 2.72 -27.35 1.42
C GLU A 85 3.50 -27.41 0.12
N PHE A 86 4.47 -26.52 -0.06
CA PHE A 86 5.24 -26.42 -1.28
C PHE A 86 6.62 -27.05 -1.17
N LYS A 87 6.98 -27.59 0.01
CA LYS A 87 8.29 -28.20 0.22
C LYS A 87 9.41 -27.19 -0.08
N LEU A 88 9.43 -26.13 0.70
CA LEU A 88 10.37 -25.03 0.48
C LEU A 88 11.72 -25.33 1.13
N LYS A 89 12.77 -24.71 0.57
CA LYS A 89 14.10 -24.87 1.14
C LYS A 89 14.24 -24.07 2.44
N GLN A 90 13.83 -22.81 2.41
CA GLN A 90 13.82 -21.94 3.59
C GLN A 90 12.44 -21.33 3.74
N MET A 91 12.23 -20.67 4.87
CA MET A 91 11.01 -19.88 5.08
C MET A 91 11.29 -18.49 4.52
N TRP A 92 10.98 -18.31 3.24
CA TRP A 92 11.40 -17.10 2.53
C TRP A 92 10.74 -15.86 3.09
N LYS A 93 11.50 -14.78 3.18
CA LYS A 93 11.02 -13.51 3.69
C LYS A 93 9.91 -12.96 2.78
N SER A 94 9.05 -12.13 3.36
CA SER A 94 8.02 -11.46 2.59
C SER A 94 8.64 -10.69 1.42
N PRO A 95 8.14 -10.86 0.19
CA PRO A 95 8.71 -10.08 -0.93
C PRO A 95 8.45 -8.60 -0.80
N ASN A 96 7.31 -8.19 -0.25
CA ASN A 96 7.00 -6.77 -0.11
C ASN A 96 8.05 -6.07 0.72
N GLY A 97 8.50 -6.70 1.81
CA GLY A 97 9.53 -6.10 2.64
C GLY A 97 10.85 -5.97 1.92
N THR A 98 11.20 -6.97 1.11
CA THR A 98 12.43 -6.90 0.33
C THR A 98 12.37 -5.73 -0.66
N ILE A 99 11.33 -5.69 -1.48
CA ILE A 99 11.18 -4.62 -2.45
C ILE A 99 11.22 -3.26 -1.75
N ARG A 100 10.43 -3.12 -0.69
CA ARG A 100 10.39 -1.85 0.03
C ARG A 100 11.77 -1.46 0.56
N ASN A 101 12.50 -2.43 1.12
CA ASN A 101 13.83 -2.13 1.62
C ASN A 101 14.76 -1.68 0.52
N ILE A 102 14.62 -2.24 -0.68
CA ILE A 102 15.51 -1.88 -1.78
C ILE A 102 15.18 -0.49 -2.31
N LEU A 103 13.89 -0.18 -2.47
CA LEU A 103 13.51 1.12 -3.04
C LEU A 103 13.52 2.23 -2.00
N GLY A 104 13.13 1.93 -0.76
CA GLY A 104 13.23 2.88 0.32
C GLY A 104 12.15 3.93 0.40
N GLY A 105 10.93 3.59 -0.03
CA GLY A 105 9.80 4.51 0.03
C GLY A 105 8.88 4.24 1.21
N THR A 106 7.72 4.86 1.14
CA THR A 106 6.69 4.69 2.17
C THR A 106 5.40 4.19 1.51
N VAL A 107 4.69 3.32 2.23
CA VAL A 107 3.43 2.74 1.75
C VAL A 107 2.28 3.63 2.18
N PHE A 108 1.36 3.90 1.25
CA PHE A 108 0.15 4.65 1.53
C PHE A 108 -1.05 3.82 1.06
N ARG A 109 -2.09 3.77 1.90
CA ARG A 109 -3.25 2.93 1.64
C ARG A 109 -4.50 3.79 1.49
N GLU A 110 -5.43 3.32 0.65
CA GLU A 110 -6.63 4.10 0.35
C GLU A 110 -7.78 3.15 0.04
N ALA A 111 -8.99 3.59 0.38
CA ALA A 111 -10.20 2.86 0.09
C ALA A 111 -10.95 3.51 -1.07
N ILE A 112 -11.30 2.71 -2.07
CA ILE A 112 -12.04 3.21 -3.22
C ILE A 112 -13.50 3.44 -2.82
N ILE A 113 -13.99 4.64 -3.08
CA ILE A 113 -15.29 5.07 -2.59
C ILE A 113 -16.35 4.80 -3.66
N CYS A 114 -17.45 4.18 -3.24
CA CYS A 114 -18.66 4.06 -4.05
C CYS A 114 -19.81 4.65 -3.25
N LYS A 115 -20.75 5.29 -3.95
CA LYS A 115 -21.80 6.03 -3.25
C LYS A 115 -22.76 5.12 -2.53
N ASN A 116 -22.97 3.90 -3.03
CA ASN A 116 -23.92 2.97 -2.43
C ASN A 116 -23.26 1.95 -1.52
N ILE A 117 -21.98 2.16 -1.15
CA ILE A 117 -21.27 1.25 -0.26
C ILE A 117 -21.02 2.01 1.05
N PRO A 118 -21.61 1.58 2.17
CA PRO A 118 -21.45 2.34 3.42
C PRO A 118 -20.02 2.28 3.95
N ARG A 119 -19.58 3.38 4.55
CA ARG A 119 -18.24 3.51 5.08
C ARG A 119 -18.26 3.44 6.61
N LEU A 120 -17.07 3.29 7.19
CA LEU A 120 -16.95 3.16 8.64
C LEU A 120 -17.64 4.32 9.37
N VAL A 121 -17.51 5.53 8.83
CA VAL A 121 -18.20 6.71 9.35
C VAL A 121 -19.04 7.28 8.22
N SER A 122 -20.34 7.44 8.47
CA SER A 122 -21.23 7.92 7.42
C SER A 122 -20.87 9.34 6.99
N GLY A 123 -20.37 10.16 7.91
CA GLY A 123 -20.03 11.53 7.60
C GLY A 123 -18.90 11.68 6.60
N TRP A 124 -18.20 10.60 6.27
CA TRP A 124 -17.08 10.68 5.35
C TRP A 124 -17.57 10.73 3.91
N VAL A 125 -17.17 11.76 3.18
CA VAL A 125 -17.52 11.95 1.78
C VAL A 125 -16.31 11.74 0.88
N LYS A 126 -15.19 12.34 1.23
CA LYS A 126 -13.99 12.37 0.41
C LYS A 126 -13.01 11.29 0.84
N PRO A 127 -11.97 11.04 0.04
CA PRO A 127 -11.01 9.97 0.39
C PRO A 127 -10.21 10.30 1.63
N ILE A 128 -9.62 9.25 2.20
CA ILE A 128 -8.63 9.38 3.26
C ILE A 128 -7.49 8.42 2.95
N ILE A 129 -6.27 8.96 2.92
CA ILE A 129 -5.08 8.20 2.50
C ILE A 129 -4.11 8.19 3.66
N ILE A 130 -3.75 6.98 4.11
CA ILE A 130 -3.01 6.79 5.35
C ILE A 130 -1.68 6.10 5.05
N GLY A 131 -0.64 6.52 5.76
CA GLY A 131 0.65 5.89 5.66
C GLY A 131 1.35 5.88 7.01
N HIS A 132 2.17 4.85 7.21
CA HIS A 132 2.90 4.67 8.46
C HIS A 132 4.40 4.69 8.22
N HIS A 133 5.13 5.22 9.20
CA HIS A 133 6.59 5.15 9.22
C HIS A 133 6.99 3.86 9.90
N ALA A 134 7.53 2.92 9.13
CA ALA A 134 7.85 1.59 9.61
C ALA A 134 9.37 1.38 9.63
N TYR A 135 9.78 0.15 9.90
CA TYR A 135 11.19 -0.17 10.07
C TYR A 135 11.94 -0.21 8.74
N GLY A 136 12.50 -1.36 8.36
CA GLY A 136 13.52 -1.34 7.32
C GLY A 136 14.70 -0.52 7.80
N ASP A 137 15.30 0.25 6.89
CA ASP A 137 16.22 1.30 7.31
C ASP A 137 17.41 0.63 8.04
N GLN A 138 18.34 1.30 8.73
CA GLN A 138 18.42 2.74 9.01
C GLN A 138 17.47 3.14 10.15
N TYR A 139 16.92 2.13 10.82
CA TYR A 139 16.01 2.31 11.95
C TYR A 139 16.23 1.19 12.95
N ARG A 140 15.68 0.00 12.65
CA ARG A 140 15.88 -1.22 13.43
C ARG A 140 15.72 -1.01 14.95
N ALA A 141 15.82 -2.11 15.71
CA ALA A 141 15.62 -2.09 17.15
C ALA A 141 16.07 -3.44 17.70
N THR A 142 15.89 -3.63 19.00
CA THR A 142 16.28 -4.87 19.66
C THR A 142 15.68 -4.89 21.06
N ASP A 143 15.55 -6.11 21.61
CA ASP A 143 15.00 -6.29 22.94
C ASP A 143 15.53 -7.60 23.51
N PHE A 144 15.37 -7.75 24.82
CA PHE A 144 15.81 -8.98 25.48
C PHE A 144 15.30 -8.97 26.91
N VAL A 145 15.28 -10.15 27.53
CA VAL A 145 14.79 -10.29 28.89
C VAL A 145 15.95 -10.14 29.86
N VAL A 146 15.62 -9.80 31.11
CA VAL A 146 16.60 -9.59 32.16
C VAL A 146 16.26 -10.53 33.30
N PRO A 147 17.20 -11.38 33.76
CA PRO A 147 16.85 -12.40 34.75
C PRO A 147 16.52 -11.84 36.12
N GLY A 148 17.38 -10.99 36.67
CA GLY A 148 17.19 -10.48 38.01
C GLY A 148 17.95 -9.19 38.27
N PRO A 149 18.10 -8.83 39.56
CA PRO A 149 18.77 -7.58 39.92
C PRO A 149 20.00 -7.25 39.09
N GLY A 150 20.18 -5.95 38.82
CA GLY A 150 21.29 -5.49 38.01
C GLY A 150 21.09 -4.06 37.60
N LYS A 151 21.68 -3.70 36.46
CA LYS A 151 21.46 -2.39 35.87
C LYS A 151 21.55 -2.51 34.37
N VAL A 152 20.73 -1.74 33.67
CA VAL A 152 20.75 -1.66 32.21
C VAL A 152 21.20 -0.26 31.83
N GLU A 153 22.13 -0.16 30.89
CA GLU A 153 22.68 1.12 30.47
C GLU A 153 22.87 1.13 28.97
N ILE A 154 22.71 2.32 28.37
CA ILE A 154 22.92 2.52 26.94
C ILE A 154 24.21 3.31 26.76
N THR A 155 24.85 3.11 25.61
CA THR A 155 26.13 3.74 25.33
C THR A 155 26.25 4.07 23.85
N TYR A 156 27.15 4.99 23.54
CA TYR A 156 27.41 5.39 22.17
C TYR A 156 28.91 5.62 21.99
N THR A 157 29.51 4.88 21.06
CA THR A 157 30.94 4.96 20.79
C THR A 157 31.17 5.72 19.49
N PRO A 158 31.58 6.99 19.54
CA PRO A 158 31.81 7.73 18.29
C PRO A 158 32.90 7.08 17.44
N SER A 159 32.66 7.06 16.12
CA SER A 159 33.66 6.55 15.19
C SER A 159 34.89 7.46 15.12
N ASP A 160 34.78 8.70 15.60
CA ASP A 160 35.86 9.68 15.51
C ASP A 160 36.19 10.18 16.92
N GLY A 161 36.82 9.32 17.72
CA GLY A 161 37.35 9.73 19.01
C GLY A 161 36.32 10.25 19.98
N THR A 162 35.77 9.36 20.81
CA THR A 162 34.85 9.68 21.91
C THR A 162 34.30 11.11 21.87
N THR A 166 27.18 7.54 26.91
CA THR A 166 26.90 6.60 27.98
C THR A 166 25.84 7.15 28.94
N TYR A 167 24.69 6.47 29.00
CA TYR A 167 23.62 6.85 29.91
C TYR A 167 23.18 5.65 30.74
N LEU A 168 22.08 5.81 31.48
CA LEU A 168 21.57 4.75 32.34
C LEU A 168 20.05 4.79 32.29
N VAL A 169 19.44 3.62 32.15
CA VAL A 169 17.99 3.52 32.07
C VAL A 169 17.37 2.94 33.35
N HIS A 170 18.11 2.16 34.13
CA HIS A 170 17.59 1.65 35.39
C HIS A 170 18.69 0.96 36.17
N ASN A 171 18.65 1.09 37.50
CA ASN A 171 19.54 0.38 38.41
C ASN A 171 18.74 -0.49 39.37
N PHE A 172 17.58 -0.97 38.92
CA PHE A 172 16.65 -1.76 39.71
C PHE A 172 17.35 -2.81 40.59
N GLU A 173 16.70 -3.18 41.70
CA GLU A 173 17.26 -4.17 42.61
C GLU A 173 16.43 -5.44 42.47
N GLU A 174 15.36 -5.60 43.23
CA GLU A 174 14.61 -6.86 43.19
C GLU A 174 13.80 -6.98 41.91
N GLY A 175 13.78 -8.19 41.35
CA GLY A 175 12.90 -8.52 40.25
C GLY A 175 13.61 -8.58 38.91
N GLY A 176 13.06 -9.37 38.00
CA GLY A 176 13.52 -9.42 36.63
C GLY A 176 12.71 -8.50 35.73
N GLY A 177 12.94 -8.63 34.43
CA GLY A 177 12.20 -7.80 33.50
C GLY A 177 12.58 -7.95 32.04
N VAL A 178 12.58 -6.83 31.32
CA VAL A 178 12.86 -6.83 29.89
C VAL A 178 13.36 -5.45 29.47
N ALA A 179 14.49 -5.40 28.79
CA ALA A 179 15.09 -4.17 28.31
C ALA A 179 15.09 -4.13 26.79
N MET A 180 15.24 -2.91 26.26
CA MET A 180 15.09 -2.69 24.83
C MET A 180 15.82 -1.41 24.44
N GLY A 181 16.37 -1.39 23.23
CA GLY A 181 17.07 -0.23 22.72
C GLY A 181 16.71 0.04 21.27
N MET A 182 16.80 1.30 20.88
CA MET A 182 16.39 1.73 19.54
C MET A 182 17.33 2.80 19.01
N TYR A 183 17.40 2.87 17.68
CA TYR A 183 18.12 3.93 16.98
C TYR A 183 17.32 4.30 15.74
N ASN A 184 17.44 5.57 15.32
CA ASN A 184 16.69 6.05 14.16
C ASN A 184 17.51 7.13 13.47
N GLN A 185 18.07 6.80 12.32
CA GLN A 185 18.80 7.79 11.53
C GLN A 185 17.87 8.92 11.12
N ASP A 186 18.44 10.13 11.00
CA ASP A 186 17.68 11.23 10.43
C ASP A 186 17.28 10.96 8.99
N LYS A 187 18.01 10.08 8.30
CA LYS A 187 17.73 9.82 6.89
CA LYS A 187 17.73 9.81 6.89
C LYS A 187 16.34 9.23 6.70
N SER A 188 15.95 8.28 7.56
CA SER A 188 14.62 7.68 7.42
C SER A 188 13.54 8.71 7.69
N ILE A 189 13.79 9.67 8.58
CA ILE A 189 12.83 10.72 8.85
C ILE A 189 12.68 11.63 7.62
N GLU A 190 13.82 12.02 7.03
CA GLU A 190 13.78 12.87 5.84
C GLU A 190 13.09 12.16 4.68
N ASP A 191 13.36 10.87 4.49
CA ASP A 191 12.70 10.12 3.43
C ASP A 191 11.20 10.01 3.68
N PHE A 192 10.81 9.77 4.93
CA PHE A 192 9.39 9.71 5.27
C PHE A 192 8.71 11.03 4.95
N ALA A 193 9.33 12.15 5.35
CA ALA A 193 8.74 13.47 5.07
C ALA A 193 8.64 13.73 3.57
N HIS A 194 9.75 13.60 2.85
CA HIS A 194 9.74 13.81 1.40
C HIS A 194 8.65 12.99 0.73
N SER A 195 8.54 11.71 1.09
CA SER A 195 7.51 10.86 0.50
C SER A 195 6.12 11.39 0.82
N SER A 196 5.88 11.83 2.05
CA SER A 196 4.58 12.37 2.42
C SER A 196 4.24 13.61 1.59
N PHE A 197 5.13 14.60 1.58
CA PHE A 197 4.87 15.82 0.80
C PHE A 197 4.63 15.48 -0.67
N GLN A 198 5.47 14.62 -1.24
CA GLN A 198 5.30 14.24 -2.64
C GLN A 198 3.95 13.59 -2.87
N MET A 199 3.47 12.82 -1.90
CA MET A 199 2.16 12.17 -2.05
C MET A 199 1.04 13.20 -2.03
N ALA A 200 1.09 14.13 -1.07
CA ALA A 200 0.05 15.16 -0.99
C ALA A 200 0.03 16.01 -2.26
N LEU A 201 1.20 16.38 -2.79
CA LEU A 201 1.22 17.11 -4.05
C LEU A 201 0.70 16.26 -5.20
N SER A 202 1.03 14.98 -5.21
CA SER A 202 0.56 14.09 -6.26
C SER A 202 -0.96 13.94 -6.25
N LYS A 203 -1.58 14.02 -5.08
CA LYS A 203 -3.01 13.82 -4.98
C LYS A 203 -3.81 15.10 -4.86
N GLY A 204 -3.19 16.20 -4.46
CA GLY A 204 -3.92 17.44 -4.25
C GLY A 204 -4.77 17.46 -3.00
N TRP A 205 -4.23 16.95 -1.89
CA TRP A 205 -4.94 16.99 -0.62
C TRP A 205 -4.01 17.54 0.45
N PRO A 206 -4.55 18.15 1.51
CA PRO A 206 -3.70 18.61 2.61
C PRO A 206 -3.01 17.44 3.29
N LEU A 207 -1.98 17.77 4.08
CA LEU A 207 -1.16 16.78 4.76
C LEU A 207 -1.16 17.06 6.25
N TYR A 208 -1.51 16.05 7.03
CA TYR A 208 -1.48 16.13 8.49
C TYR A 208 -0.51 15.07 9.02
N LEU A 209 0.34 15.47 9.95
CA LEU A 209 1.29 14.55 10.60
C LEU A 209 0.81 14.26 12.02
N SER A 210 0.75 12.99 12.37
CA SER A 210 0.25 12.55 13.66
C SER A 210 1.38 12.05 14.55
N THR A 211 1.30 12.38 15.84
CA THR A 211 2.40 12.11 16.77
C THR A 211 1.84 11.89 18.17
N LYS A 212 2.57 11.12 18.97
CA LYS A 212 2.22 10.86 20.35
C LYS A 212 2.88 11.89 21.27
N ASN A 213 2.37 11.96 22.50
CA ASN A 213 3.01 12.72 23.58
C ASN A 213 3.73 11.72 24.47
N THR A 214 5.05 11.80 24.50
CA THR A 214 5.88 10.76 25.13
C THR A 214 6.93 11.40 26.03
N ILE A 215 7.59 10.55 26.82
CA ILE A 215 8.71 10.99 27.63
C ILE A 215 9.92 11.25 26.76
N LEU A 216 10.07 10.50 25.67
CA LEU A 216 11.17 10.70 24.72
C LEU A 216 10.98 12.05 24.05
N LYS A 217 11.39 13.11 24.77
CA LYS A 217 11.20 14.46 24.27
C LYS A 217 12.20 14.79 23.18
N LYS A 218 13.50 14.64 23.46
CA LYS A 218 14.53 14.93 22.47
C LYS A 218 14.26 14.20 21.16
N TYR A 219 13.71 13.00 21.23
CA TYR A 219 13.37 12.24 20.04
C TYR A 219 12.09 12.74 19.39
N ASP A 220 11.12 13.19 20.20
CA ASP A 220 9.87 13.69 19.65
C ASP A 220 10.09 14.97 18.85
N GLY A 221 10.93 15.88 19.35
CA GLY A 221 11.16 17.13 18.65
C GLY A 221 11.83 16.98 17.30
N ARG A 222 12.48 15.85 17.05
CA ARG A 222 13.25 15.68 15.83
C ARG A 222 12.33 15.55 14.62
N PHE A 223 11.37 14.64 14.68
CA PHE A 223 10.37 14.52 13.62
C PHE A 223 9.75 15.89 13.32
N LYS A 224 9.27 16.56 14.37
CA LYS A 224 8.79 17.92 14.26
C LYS A 224 9.70 18.78 13.40
N ASP A 225 10.90 19.07 13.93
CA ASP A 225 11.74 20.07 13.30
C ASP A 225 12.12 19.66 11.88
N ILE A 226 12.26 18.36 11.62
CA ILE A 226 12.66 17.91 10.28
C ILE A 226 11.53 18.15 9.29
N PHE A 227 10.35 17.62 9.59
CA PHE A 227 9.18 17.87 8.74
C PHE A 227 9.01 19.37 8.49
N GLN A 228 8.97 20.15 9.57
CA GLN A 228 8.68 21.57 9.43
C GLN A 228 9.74 22.29 8.61
N GLU A 229 11.01 21.88 8.76
CA GLU A 229 12.08 22.57 8.06
C GLU A 229 12.07 22.22 6.57
N ILE A 230 12.05 20.93 6.25
CA ILE A 230 11.95 20.53 4.85
C ILE A 230 10.76 21.19 4.19
N TYR A 231 9.67 21.36 4.95
CA TYR A 231 8.51 22.09 4.44
C TYR A 231 8.86 23.54 4.14
N ASP A 232 9.40 24.25 5.14
CA ASP A 232 9.70 25.67 4.98
C ASP A 232 10.69 25.91 3.84
N LYS A 233 11.51 24.93 3.52
CA LYS A 233 12.60 25.12 2.56
C LYS A 233 12.29 24.62 1.15
N GLN A 234 11.58 23.50 1.02
CA GLN A 234 11.44 22.83 -0.27
C GLN A 234 10.02 22.64 -0.74
N TYR A 235 9.01 23.01 0.05
CA TYR A 235 7.64 22.73 -0.32
C TYR A 235 6.64 23.84 0.02
N LYS A 236 7.07 24.92 0.68
CA LYS A 236 6.13 25.96 1.07
C LYS A 236 5.39 26.52 -0.14
N SER A 237 6.14 26.95 -1.17
CA SER A 237 5.51 27.56 -2.34
C SER A 237 4.88 26.51 -3.25
N GLN A 238 5.44 25.30 -3.26
CA GLN A 238 4.84 24.22 -4.04
C GLN A 238 3.47 23.87 -3.48
N PHE A 239 3.33 23.89 -2.15
CA PHE A 239 2.03 23.69 -1.52
C PHE A 239 1.12 24.90 -1.71
N ALA A 240 1.69 26.11 -1.70
CA ALA A 240 0.89 27.30 -1.94
C ALA A 240 0.25 27.25 -3.31
N ALA A 241 1.01 26.86 -4.33
CA ALA A 241 0.48 26.86 -5.69
C ALA A 241 -0.57 25.77 -5.88
N ALA A 242 -0.53 24.70 -5.09
CA ALA A 242 -1.47 23.61 -5.19
C ALA A 242 -2.68 23.77 -4.27
N ALA A 243 -2.77 24.89 -3.55
CA ALA A 243 -3.91 25.17 -2.69
C ALA A 243 -4.07 24.13 -1.58
N ILE A 244 -2.99 23.42 -1.23
CA ILE A 244 -2.98 22.51 -0.10
C ILE A 244 -2.06 23.08 0.98
N TRP A 245 -2.16 22.52 2.18
CA TRP A 245 -1.39 22.99 3.33
C TRP A 245 -0.90 21.79 4.13
N TYR A 246 -0.06 22.08 5.12
CA TYR A 246 0.51 21.07 6.00
C TYR A 246 0.29 21.47 7.45
N GLU A 247 -0.04 20.49 8.29
CA GLU A 247 -0.25 20.75 9.71
C GLU A 247 0.16 19.53 10.52
N HIS A 248 0.45 19.77 11.79
CA HIS A 248 0.74 18.71 12.74
C HIS A 248 -0.41 18.54 13.72
N ARG A 249 -0.63 17.29 14.12
CA ARG A 249 -1.60 16.97 15.15
C ARG A 249 -1.00 15.90 16.05
N LEU A 250 -1.38 15.92 17.31
CA LEU A 250 -1.12 14.81 18.20
C LEU A 250 -2.30 13.85 18.14
N ILE A 251 -1.99 12.56 18.05
CA ILE A 251 -2.96 11.60 17.54
C ILE A 251 -4.25 11.61 18.35
N ASP A 252 -4.16 11.87 19.65
CA ASP A 252 -5.36 11.87 20.49
C ASP A 252 -6.42 12.81 19.92
N ASP A 253 -6.01 14.00 19.46
CA ASP A 253 -6.93 14.92 18.82
C ASP A 253 -7.20 14.54 17.37
N MET A 254 -6.17 14.06 16.67
CA MET A 254 -6.31 13.72 15.25
C MET A 254 -7.44 12.71 15.04
N VAL A 255 -7.52 11.68 15.89
CA VAL A 255 -8.53 10.64 15.68
C VAL A 255 -9.93 11.22 15.83
N ALA A 256 -10.17 11.91 16.95
CA ALA A 256 -11.48 12.52 17.17
C ALA A 256 -11.86 13.47 16.04
N GLN A 257 -11.01 14.46 15.76
CA GLN A 257 -11.32 15.43 14.73
C GLN A 257 -11.56 14.75 13.38
N ALA A 258 -10.75 13.74 13.06
CA ALA A 258 -10.92 13.04 11.79
C ALA A 258 -12.28 12.35 11.73
N MET A 259 -12.72 11.76 12.84
CA MET A 259 -13.98 11.02 12.82
C MET A 259 -15.18 11.91 12.51
N LYS A 260 -15.11 13.21 12.79
CA LYS A 260 -16.19 14.13 12.43
C LYS A 260 -15.74 15.14 11.37
N SER A 261 -14.84 14.73 10.49
CA SER A 261 -14.48 15.50 9.31
C SER A 261 -15.17 14.90 8.09
N GLU A 262 -15.08 15.62 6.97
CA GLU A 262 -15.62 15.15 5.71
C GLU A 262 -14.63 14.30 4.92
N GLY A 263 -13.42 14.11 5.43
CA GLY A 263 -12.40 13.42 4.67
C GLY A 263 -11.66 14.35 3.74
N GLY A 264 -10.83 13.76 2.89
CA GLY A 264 -10.08 14.50 1.90
C GLY A 264 -8.75 15.02 2.41
N PHE A 265 -7.90 14.13 2.92
CA PHE A 265 -6.59 14.55 3.41
C PHE A 265 -5.66 13.35 3.45
N ILE A 266 -4.36 13.63 3.46
CA ILE A 266 -3.33 12.62 3.64
C ILE A 266 -3.00 12.56 5.13
N TRP A 267 -2.87 11.35 5.66
CA TRP A 267 -2.60 11.12 7.08
C TRP A 267 -1.28 10.38 7.22
N ALA A 268 -0.24 11.08 7.68
CA ALA A 268 1.06 10.49 7.93
C ALA A 268 1.13 10.14 9.41
N CYS A 269 1.01 8.85 9.71
CA CYS A 269 0.90 8.39 11.08
C CYS A 269 2.27 8.01 11.61
N LYS A 270 2.59 8.48 12.82
CA LYS A 270 3.87 8.21 13.46
C LYS A 270 3.63 7.78 14.90
N ASN A 271 4.18 6.62 15.27
CA ASN A 271 4.24 6.16 16.65
C ASN A 271 5.71 6.03 17.03
N TYR A 272 6.10 6.69 18.13
CA TYR A 272 7.50 6.75 18.53
C TYR A 272 8.03 5.39 18.99
N ASP A 273 7.89 4.37 18.15
CA ASP A 273 8.37 3.03 18.46
C ASP A 273 8.14 2.12 17.27
N GLY A 274 8.19 0.81 17.48
CA GLY A 274 8.05 -0.13 16.39
C GLY A 274 6.65 -0.22 15.82
N ASP A 275 6.45 0.41 14.67
CA ASP A 275 5.19 0.29 13.94
C ASP A 275 5.19 -0.92 13.02
N VAL A 276 6.33 -1.27 12.43
CA VAL A 276 6.41 -2.37 11.49
C VAL A 276 5.52 -2.05 10.31
N GLN A 277 5.64 -2.81 9.22
CA GLN A 277 4.77 -2.64 8.06
C GLN A 277 4.21 -4.01 7.69
N SER A 278 2.94 -4.23 8.02
CA SER A 278 2.27 -5.46 7.62
C SER A 278 2.08 -5.50 6.11
N ASP A 279 1.97 -6.72 5.57
CA ASP A 279 1.68 -6.87 4.16
C ASP A 279 0.28 -6.34 3.83
N SER A 280 -0.67 -6.55 4.73
CA SER A 280 -2.06 -6.17 4.50
C SER A 280 -2.56 -5.28 5.64
N VAL A 281 -3.63 -4.55 5.34
CA VAL A 281 -4.29 -3.69 6.31
C VAL A 281 -5.23 -4.54 7.14
N ALA A 282 -5.91 -3.93 8.12
CA ALA A 282 -6.68 -4.68 9.11
C ALA A 282 -7.74 -5.59 8.48
N GLN A 283 -9.02 -5.23 8.61
CA GLN A 283 -10.08 -6.10 8.12
C GLN A 283 -11.45 -5.48 8.36
N GLY A 284 -11.61 -4.78 9.48
CA GLY A 284 -12.89 -4.23 9.88
C GLY A 284 -13.15 -2.78 9.51
N TYR A 285 -12.32 -2.18 8.67
CA TYR A 285 -12.50 -0.79 8.26
C TYR A 285 -13.18 -0.67 6.90
N GLY A 286 -13.73 -1.75 6.37
CA GLY A 286 -14.31 -1.77 5.04
C GLY A 286 -13.80 -2.94 4.23
N SER A 287 -14.48 -3.18 3.12
CA SER A 287 -14.15 -4.32 2.27
C SER A 287 -12.70 -4.23 1.80
N LEU A 288 -11.97 -5.34 1.94
CA LEU A 288 -10.56 -5.36 1.54
C LEU A 288 -10.41 -5.34 0.02
N GLY A 289 -11.39 -5.86 -0.72
CA GLY A 289 -11.35 -5.80 -2.16
C GLY A 289 -11.39 -4.38 -2.71
N MET A 290 -11.74 -3.40 -1.89
CA MET A 290 -11.80 -2.01 -2.30
C MET A 290 -10.64 -1.19 -1.76
N MET A 291 -9.60 -1.84 -1.24
CA MET A 291 -8.47 -1.15 -0.63
C MET A 291 -7.20 -1.38 -1.44
N THR A 292 -6.46 -0.30 -1.65
CA THR A 292 -5.24 -0.29 -2.42
C THR A 292 -4.09 0.25 -1.60
N SER A 293 -2.88 0.01 -2.11
CA SER A 293 -1.67 0.56 -1.53
C SER A 293 -0.73 0.96 -2.66
N VAL A 294 0.03 2.01 -2.41
CA VAL A 294 1.07 2.47 -3.33
C VAL A 294 2.32 2.81 -2.52
N LEU A 295 3.46 2.30 -2.98
CA LEU A 295 4.76 2.60 -2.38
C LEU A 295 5.38 3.76 -3.16
N VAL A 296 5.65 4.86 -2.46
CA VAL A 296 6.14 6.09 -3.08
C VAL A 296 7.52 6.39 -2.51
N CYS A 297 8.48 6.58 -3.39
CA CYS A 297 9.84 6.86 -2.97
C CYS A 297 10.03 8.35 -2.72
N PRO A 298 10.98 8.72 -1.87
CA PRO A 298 11.12 10.15 -1.52
C PRO A 298 11.52 11.03 -2.70
N ASP A 299 11.98 10.46 -3.82
CA ASP A 299 12.31 11.25 -4.99
C ASP A 299 11.09 11.67 -5.80
N GLY A 300 9.91 11.14 -5.47
CA GLY A 300 8.70 11.49 -6.18
C GLY A 300 8.58 10.94 -7.57
N LYS A 301 9.53 10.11 -8.03
CA LYS A 301 9.54 9.61 -9.39
C LYS A 301 9.26 8.13 -9.50
N THR A 302 9.56 7.34 -8.48
CA THR A 302 9.37 5.89 -8.51
C THR A 302 8.17 5.50 -7.67
N VAL A 303 7.36 4.59 -8.19
CA VAL A 303 6.09 4.20 -7.58
C VAL A 303 5.87 2.72 -7.82
N GLU A 304 5.31 2.03 -6.82
CA GLU A 304 4.88 0.64 -6.97
C GLU A 304 3.43 0.53 -6.54
N ALA A 305 2.57 0.07 -7.44
CA ALA A 305 1.14 -0.09 -7.16
C ALA A 305 0.86 -1.53 -6.75
N GLU A 306 -0.08 -1.70 -5.81
CA GLU A 306 -0.34 -3.02 -5.27
C GLU A 306 -1.69 -3.05 -4.57
N ALA A 307 -2.37 -4.19 -4.67
CA ALA A 307 -3.60 -4.39 -3.91
C ALA A 307 -3.27 -4.48 -2.42
N ALA A 308 -4.16 -3.94 -1.59
CA ALA A 308 -3.95 -3.87 -0.15
C ALA A 308 -4.46 -5.10 0.58
N HIS A 309 -4.60 -6.23 -0.10
CA HIS A 309 -5.08 -7.46 0.51
C HIS A 309 -4.19 -8.61 0.03
N GLY A 310 -4.50 -9.81 0.48
CA GLY A 310 -3.73 -10.99 0.17
C GLY A 310 -4.28 -11.78 -0.99
N THR A 311 -3.87 -13.05 -1.07
CA THR A 311 -4.21 -13.90 -2.20
C THR A 311 -5.59 -14.53 -2.10
N VAL A 312 -6.29 -14.33 -0.99
CA VAL A 312 -7.65 -14.83 -0.81
C VAL A 312 -7.63 -16.36 -0.93
N THR A 313 -6.96 -17.02 0.03
CA THR A 313 -6.72 -18.45 -0.07
C THR A 313 -8.02 -19.24 -0.07
N ARG A 314 -8.98 -18.86 0.79
CA ARG A 314 -10.22 -19.64 0.88
C ARG A 314 -10.92 -19.72 -0.47
N HIS A 315 -11.09 -18.58 -1.13
CA HIS A 315 -11.69 -18.57 -2.46
C HIS A 315 -10.91 -19.47 -3.40
N TYR A 316 -9.57 -19.44 -3.31
CA TYR A 316 -8.78 -20.32 -4.17
C TYR A 316 -9.08 -21.78 -3.90
N ARG A 317 -9.29 -22.14 -2.63
CA ARG A 317 -9.69 -23.51 -2.30
C ARG A 317 -11.01 -23.86 -2.95
N MET A 318 -11.99 -22.95 -2.91
CA MET A 318 -13.24 -23.19 -3.61
C MET A 318 -13.01 -23.39 -5.11
N TYR A 319 -12.14 -22.57 -5.70
CA TYR A 319 -11.88 -22.63 -7.15
C TYR A 319 -11.23 -23.95 -7.54
N GLN A 320 -10.29 -24.43 -6.73
CA GLN A 320 -9.65 -25.72 -7.01
C GLN A 320 -10.68 -26.83 -7.12
N LYS A 321 -11.67 -26.84 -6.22
CA LYS A 321 -12.69 -27.87 -6.21
C LYS A 321 -13.83 -27.58 -7.18
N GLY A 322 -13.73 -26.52 -7.99
CA GLY A 322 -14.72 -26.25 -9.02
C GLY A 322 -15.95 -25.51 -8.54
N GLN A 323 -15.91 -24.91 -7.36
CA GLN A 323 -17.07 -24.24 -6.81
C GLN A 323 -17.10 -22.77 -7.22
N GLU A 324 -18.29 -22.19 -7.15
CA GLU A 324 -18.47 -20.80 -7.58
C GLU A 324 -17.84 -19.84 -6.58
N THR A 325 -17.02 -18.92 -7.09
CA THR A 325 -16.38 -17.89 -6.28
C THR A 325 -16.95 -16.53 -6.62
N SER A 326 -16.78 -15.58 -5.70
CA SER A 326 -17.17 -14.19 -5.90
C SER A 326 -16.06 -13.32 -5.31
N THR A 327 -14.99 -13.15 -6.09
CA THR A 327 -13.82 -12.42 -5.67
C THR A 327 -13.82 -11.02 -6.28
N ASN A 328 -13.48 -10.03 -5.46
CA ASN A 328 -13.54 -8.62 -5.86
C ASN A 328 -12.25 -8.22 -6.55
N PRO A 329 -12.27 -7.81 -7.81
CA PRO A 329 -11.02 -7.46 -8.51
C PRO A 329 -10.65 -5.98 -8.49
N ILE A 330 -11.40 -5.14 -7.79
CA ILE A 330 -11.18 -3.69 -7.88
C ILE A 330 -9.77 -3.32 -7.46
N ALA A 331 -9.28 -3.88 -6.36
CA ALA A 331 -7.99 -3.45 -5.83
C ALA A 331 -6.87 -3.68 -6.84
N SER A 332 -6.86 -4.84 -7.49
CA SER A 332 -5.83 -5.16 -8.47
C SER A 332 -5.97 -4.27 -9.71
N ILE A 333 -7.19 -4.16 -10.23
CA ILE A 333 -7.46 -3.23 -11.33
C ILE A 333 -6.83 -1.88 -11.03
N PHE A 334 -7.09 -1.36 -9.82
CA PHE A 334 -6.57 -0.05 -9.46
C PHE A 334 -5.06 -0.06 -9.29
N ALA A 335 -4.45 -1.21 -9.01
CA ALA A 335 -3.00 -1.27 -9.07
C ALA A 335 -2.54 -0.98 -10.49
N TRP A 336 -3.20 -1.60 -11.47
CA TRP A 336 -2.84 -1.35 -12.86
C TRP A 336 -3.10 0.10 -13.24
N THR A 337 -4.26 0.65 -12.87
CA THR A 337 -4.61 1.99 -13.32
C THR A 337 -3.71 3.04 -12.68
N ARG A 338 -3.32 2.86 -11.43
CA ARG A 338 -2.45 3.84 -10.81
C ARG A 338 -1.03 3.73 -11.35
N GLY A 339 -0.54 2.50 -11.56
CA GLY A 339 0.73 2.35 -12.25
C GLY A 339 0.75 3.06 -13.59
N LEU A 340 -0.23 2.75 -14.44
CA LEU A 340 -0.29 3.39 -15.76
C LEU A 340 -0.41 4.89 -15.66
N ALA A 341 -1.19 5.38 -14.68
CA ALA A 341 -1.33 6.83 -14.52
C ALA A 341 0.03 7.47 -14.23
N HIS A 342 0.78 6.88 -13.29
CA HIS A 342 2.12 7.41 -13.02
C HIS A 342 3.00 7.36 -14.26
N ARG A 343 2.95 6.26 -15.01
CA ARG A 343 3.67 6.19 -16.28
C ARG A 343 3.32 7.38 -17.17
N ALA A 344 2.02 7.67 -17.30
CA ALA A 344 1.58 8.76 -18.15
C ALA A 344 2.11 10.09 -17.66
N LYS A 345 2.13 10.30 -16.34
CA LYS A 345 2.67 11.55 -15.82
C LYS A 345 4.16 11.68 -16.14
N LEU A 346 4.91 10.59 -16.02
CA LEU A 346 6.34 10.66 -16.32
C LEU A 346 6.59 10.94 -17.80
N ASP A 347 5.75 10.39 -18.68
CA ASP A 347 5.95 10.52 -20.11
C ASP A 347 5.15 11.66 -20.74
N ASN A 348 4.26 12.30 -19.99
CA ASN A 348 3.35 13.31 -20.54
C ASN A 348 2.48 12.71 -21.64
N ASN A 349 2.12 11.44 -21.46
CA ASN A 349 1.28 10.71 -22.40
C ASN A 349 -0.18 10.82 -21.93
N LYS A 350 -0.95 11.69 -22.60
CA LYS A 350 -2.31 11.98 -22.14
C LYS A 350 -3.32 10.93 -22.59
N GLU A 351 -3.06 10.22 -23.68
CA GLU A 351 -3.87 9.05 -24.03
C GLU A 351 -3.91 8.06 -22.87
N LEU A 352 -2.73 7.69 -22.37
CA LEU A 352 -2.65 6.71 -21.30
C LEU A 352 -3.38 7.20 -20.06
N ALA A 353 -3.17 8.47 -19.69
CA ALA A 353 -3.85 9.01 -18.51
C ALA A 353 -5.35 8.96 -18.68
N PHE A 354 -5.84 9.34 -19.87
CA PHE A 354 -7.28 9.27 -20.13
C PHE A 354 -7.79 7.85 -19.98
N PHE A 355 -7.05 6.87 -20.50
CA PHE A 355 -7.48 5.48 -20.39
C PHE A 355 -7.55 5.03 -18.94
N ALA A 356 -6.50 5.33 -18.15
CA ALA A 356 -6.50 4.91 -16.76
C ALA A 356 -7.70 5.49 -16.01
N ASN A 357 -7.86 6.82 -16.07
CA ASN A 357 -9.00 7.42 -15.39
C ASN A 357 -10.32 6.85 -15.91
N ALA A 358 -10.38 6.51 -17.20
CA ALA A 358 -11.59 5.91 -17.75
C ALA A 358 -11.89 4.57 -17.11
N LEU A 359 -10.85 3.74 -16.91
CA LEU A 359 -11.09 2.43 -16.32
C LEU A 359 -11.54 2.54 -14.87
N GLU A 360 -10.94 3.47 -14.11
CA GLU A 360 -11.42 3.67 -12.75
C GLU A 360 -12.88 4.12 -12.74
N GLU A 361 -13.22 5.09 -13.59
CA GLU A 361 -14.60 5.55 -13.70
C GLU A 361 -15.54 4.39 -14.02
N VAL A 362 -15.11 3.49 -14.91
CA VAL A 362 -15.95 2.35 -15.29
C VAL A 362 -16.18 1.43 -14.09
N SER A 363 -15.12 1.12 -13.34
CA SER A 363 -15.29 0.24 -12.18
C SER A 363 -16.29 0.83 -11.19
N ILE A 364 -16.06 2.09 -10.78
CA ILE A 364 -16.96 2.72 -9.81
C ILE A 364 -18.38 2.78 -10.36
N GLU A 365 -18.54 3.16 -11.63
CA GLU A 365 -19.88 3.25 -12.20
C GLU A 365 -20.58 1.89 -12.16
N THR A 366 -19.86 0.84 -12.52
CA THR A 366 -20.45 -0.50 -12.52
C THR A 366 -20.95 -0.88 -11.14
N ILE A 367 -20.12 -0.69 -10.11
CA ILE A 367 -20.58 -1.06 -8.76
C ILE A 367 -21.77 -0.19 -8.35
N GLU A 368 -21.68 1.12 -8.60
CA GLU A 368 -22.76 2.02 -8.19
C GLU A 368 -24.06 1.76 -8.94
N ALA A 369 -23.99 1.16 -10.13
CA ALA A 369 -25.20 0.85 -10.88
C ALA A 369 -25.93 -0.39 -10.37
N GLY A 370 -25.34 -1.13 -9.44
CA GLY A 370 -25.98 -2.28 -8.83
C GLY A 370 -25.32 -3.61 -9.11
N PHE A 371 -24.18 -3.64 -9.80
CA PHE A 371 -23.50 -4.88 -10.16
C PHE A 371 -22.22 -4.96 -9.33
N MET A 372 -22.16 -5.94 -8.43
CA MET A 372 -21.08 -6.03 -7.46
C MET A 372 -20.86 -7.48 -7.07
N THR A 373 -19.71 -7.75 -6.49
CA THR A 373 -19.42 -9.06 -5.93
C THR A 373 -20.06 -9.21 -4.55
N LYS A 374 -20.00 -10.43 -4.02
CA LYS A 374 -20.79 -10.76 -2.84
C LYS A 374 -20.37 -9.95 -1.62
N ASP A 375 -19.06 -9.67 -1.49
CA ASP A 375 -18.59 -8.94 -0.32
C ASP A 375 -19.28 -7.58 -0.20
N LEU A 376 -19.46 -6.89 -1.32
CA LEU A 376 -20.10 -5.58 -1.27
C LEU A 376 -21.60 -5.71 -1.02
N ALA A 377 -22.23 -6.74 -1.59
CA ALA A 377 -23.64 -6.97 -1.32
C ALA A 377 -23.88 -7.17 0.18
N ALA A 378 -23.05 -8.01 0.81
CA ALA A 378 -23.15 -8.15 2.26
C ALA A 378 -22.85 -6.83 2.95
N CYS A 379 -21.85 -6.09 2.46
CA CYS A 379 -21.54 -4.79 3.04
C CYS A 379 -22.77 -3.88 3.02
N ILE A 380 -23.68 -4.08 2.06
CA ILE A 380 -24.89 -3.28 2.00
C ILE A 380 -25.94 -3.83 2.96
N LYS A 381 -26.27 -5.12 2.82
CA LYS A 381 -27.39 -5.69 3.57
C LYS A 381 -26.95 -6.36 4.87
N GLY A 382 -25.86 -7.13 4.81
CA GLY A 382 -25.50 -8.02 5.89
C GLY A 382 -25.49 -9.45 5.40
N LEU A 383 -24.46 -10.22 5.74
CA LEU A 383 -24.28 -11.53 5.12
C LEU A 383 -25.44 -12.47 5.40
N PRO A 384 -26.07 -12.46 6.57
CA PRO A 384 -27.24 -13.34 6.79
C PRO A 384 -28.47 -12.95 5.97
N ASN A 385 -28.39 -11.94 5.11
CA ASN A 385 -29.54 -11.51 4.34
C ASN A 385 -29.31 -11.52 2.83
N VAL A 386 -28.07 -11.70 2.38
CA VAL A 386 -27.78 -11.68 0.95
C VAL A 386 -28.20 -12.99 0.32
N GLN A 387 -28.80 -12.91 -0.86
CA GLN A 387 -29.14 -14.07 -1.66
C GLN A 387 -28.27 -14.09 -2.91
N ARG A 388 -28.39 -15.17 -3.67
CA ARG A 388 -27.58 -15.31 -4.88
C ARG A 388 -27.92 -14.24 -5.91
N SER A 389 -29.19 -13.84 -5.97
CA SER A 389 -29.62 -12.80 -6.91
C SER A 389 -29.08 -11.42 -6.56
N ASP A 390 -28.37 -11.26 -5.44
CA ASP A 390 -27.90 -9.97 -4.99
C ASP A 390 -26.50 -9.62 -5.49
N TYR A 391 -25.82 -10.53 -6.19
CA TYR A 391 -24.43 -10.33 -6.57
C TYR A 391 -24.10 -11.22 -7.75
N LEU A 392 -22.86 -11.08 -8.23
CA LEU A 392 -22.36 -11.83 -9.38
C LEU A 392 -21.05 -12.52 -9.00
N ASN A 393 -20.76 -13.62 -9.68
CA ASN A 393 -19.53 -14.36 -9.40
C ASN A 393 -18.36 -13.66 -10.07
N THR A 394 -17.15 -14.21 -9.85
CA THR A 394 -15.93 -13.58 -10.32
C THR A 394 -15.99 -13.27 -11.81
N PHE A 395 -16.25 -14.30 -12.61
CA PHE A 395 -16.17 -14.17 -14.07
C PHE A 395 -17.32 -13.33 -14.61
N GLU A 396 -18.52 -13.49 -14.04
CA GLU A 396 -19.64 -12.62 -14.42
C GLU A 396 -19.27 -11.15 -14.24
N PHE A 397 -18.72 -10.81 -13.08
CA PHE A 397 -18.38 -9.41 -12.81
C PHE A 397 -17.31 -8.92 -13.76
N MET A 398 -16.25 -9.73 -13.98
CA MET A 398 -15.23 -9.32 -14.94
C MET A 398 -15.84 -9.04 -16.31
N ASP A 399 -16.74 -9.93 -16.78
CA ASP A 399 -17.38 -9.70 -18.07
C ASP A 399 -18.16 -8.38 -18.08
N LYS A 400 -18.90 -8.11 -17.00
CA LYS A 400 -19.64 -6.85 -16.91
C LYS A 400 -18.71 -5.66 -17.06
N LEU A 401 -17.63 -5.64 -16.27
CA LEU A 401 -16.64 -4.56 -16.40
C LEU A 401 -16.16 -4.43 -17.83
N GLY A 402 -15.82 -5.56 -18.47
CA GLY A 402 -15.37 -5.50 -19.86
C GLY A 402 -16.37 -4.82 -20.76
N GLU A 403 -17.63 -5.24 -20.69
CA GLU A 403 -18.67 -4.60 -21.50
C GLU A 403 -18.70 -3.10 -21.29
N ASN A 404 -18.84 -2.68 -20.02
CA ASN A 404 -18.98 -1.25 -19.75
C ASN A 404 -17.77 -0.47 -20.20
N LEU A 405 -16.57 -1.05 -20.09
CA LEU A 405 -15.36 -0.37 -20.56
C LEU A 405 -15.40 -0.16 -22.07
N LYS A 406 -15.64 -1.25 -22.82
CA LYS A 406 -15.74 -1.11 -24.27
C LYS A 406 -16.77 -0.05 -24.64
N ILE A 407 -17.89 -0.02 -23.93
CA ILE A 407 -18.93 0.96 -24.22
C ILE A 407 -18.40 2.38 -24.01
N LYS A 408 -17.82 2.64 -22.84
CA LYS A 408 -17.33 3.99 -22.55
C LYS A 408 -16.32 4.44 -23.60
N LEU A 409 -15.39 3.56 -23.97
CA LEU A 409 -14.40 3.94 -24.97
C LEU A 409 -15.06 4.21 -26.31
N ALA A 410 -16.02 3.39 -26.72
CA ALA A 410 -16.72 3.63 -27.98
C ALA A 410 -17.44 4.97 -27.95
N GLN A 411 -17.99 5.35 -26.81
CA GLN A 411 -18.65 6.66 -26.70
C GLN A 411 -17.64 7.79 -26.84
N ALA A 412 -16.47 7.65 -26.21
CA ALA A 412 -15.47 8.71 -26.25
C ALA A 412 -14.99 9.01 -27.66
N LYS A 413 -15.15 8.08 -28.60
CA LYS A 413 -14.61 8.24 -29.94
C LYS A 413 -15.62 8.84 -30.93
N LEU A 414 -16.67 9.48 -30.43
CA LEU A 414 -17.61 10.19 -31.30
C LEU A 414 -17.23 11.67 -31.36
PA NDP B . -6.59 -12.20 2.45
O1A NDP B . -6.64 -10.71 2.37
O2A NDP B . -5.78 -13.00 1.47
O5B NDP B . -8.14 -12.77 2.50
C5B NDP B . -8.56 -12.46 3.78
C4B NDP B . -10.08 -12.39 3.82
O4B NDP B . -10.50 -11.06 3.55
C3B NDP B . -10.69 -13.32 2.76
O3B NDP B . -10.87 -14.61 3.26
C2B NDP B . -12.06 -12.63 2.58
O2B NDP B . -12.92 -12.83 3.59
C1B NDP B . -11.59 -11.13 2.61
N9A NDP B . -11.11 -10.67 1.32
C8A NDP B . -9.83 -10.18 0.99
N7A NDP B . -9.71 -9.84 -0.31
C5A NDP B . -10.97 -10.11 -0.84
C6A NDP B . -11.48 -9.98 -2.14
N6A NDP B . -10.68 -9.49 -3.15
N1A NDP B . -12.78 -10.33 -2.42
C2A NDP B . -13.51 -10.81 -1.36
N3A NDP B . -13.16 -11.01 -0.08
C4A NDP B . -11.86 -10.64 0.16
O3 NDP B . -5.88 -12.37 3.94
PN NDP B . -5.40 -13.88 4.16
O1N NDP B . -5.04 -14.02 5.59
O2N NDP B . -6.20 -14.92 3.40
O5D NDP B . -3.80 -14.03 3.42
C5D NDP B . -3.80 -15.11 2.55
C4D NDP B . -2.48 -15.08 1.81
O4D NDP B . -2.20 -13.72 1.46
C3D NDP B . -1.35 -15.54 2.78
O3D NDP B . -0.63 -16.57 2.17
C2D NDP B . -0.49 -14.28 2.96
O2D NDP B . 0.88 -14.55 2.96
C1D NDP B . -0.83 -13.49 1.66
N1N NDP B . -0.60 -12.04 1.83
C2N NDP B . 0.10 -11.34 0.88
C3N NDP B . -0.06 -9.99 0.76
C7N NDP B . 0.72 -9.31 -0.28
O7N NDP B . 0.48 -8.16 -0.68
N7N NDP B . 1.79 -9.97 -0.85
C4N NDP B . -0.99 -9.24 1.63
C5N NDP B . -1.33 -10.01 2.86
C6N NDP B . -1.13 -11.33 2.93
P2B NDP B . -14.19 -14.11 3.27
O1X NDP B . -14.89 -13.95 4.59
O2X NDP B . -14.92 -13.62 2.02
O3X NDP B . -13.26 -15.28 3.12
C1 6N3 C . -10.05 6.23 13.30
C6 6N3 C . -8.48 3.11 7.88
C7 6N3 C . -7.41 2.28 7.54
C9 6N3 C . -6.64 2.35 9.82
C5 6N3 C . -7.80 3.22 10.13
C4 6N3 C . -9.09 4.58 11.65
C3 6N3 C . -8.90 5.29 12.99
C12 6N3 C . -5.69 2.31 14.41
C2 6N3 C . -11.36 5.46 13.38
O4 6N3 C . -13.46 4.51 4.52
C26 6N3 C . -12.38 4.97 4.10
O3 6N3 C . -12.30 5.85 3.21
C25 6N3 C . -11.10 4.46 4.70
C22 6N3 C . -11.05 4.91 6.14
C21 6N3 C . -9.63 4.92 6.67
C23 6N3 C . -11.42 3.46 5.81
C24 6N3 C . -10.24 2.58 6.18
N2 6N3 C . -9.41 3.52 6.92
N 6N3 C . -8.65 3.56 9.15
C8 6N3 C . -6.49 1.90 8.51
O 6N3 C . -8.00 3.70 11.39
C 6N3 C . -10.15 7.35 12.27
C10 6N3 C . -5.68 1.95 10.90
O1 6N3 C . -4.95 0.99 10.73
N1 6N3 C . -5.64 2.70 12.01
C11 6N3 C . -4.83 2.36 13.16
C16 6N3 C . -3.74 3.41 13.35
C15 6N3 C . -4.36 4.78 13.57
C17 6N3 C . -2.89 3.06 14.57
C18 6N3 C . -3.76 3.03 15.81
O2 6N3 C . -2.96 2.69 16.95
C20 6N3 C . -4.84 1.97 15.63
C19 6N3 C . -4.41 4.39 16.02
C14 6N3 C . -5.26 4.75 14.82
C13 6N3 C . -6.33 3.68 14.63
#